data_7DUT
#
_entry.id   7DUT
#
_cell.length_a   50.481
_cell.length_b   142.947
_cell.length_c   65.251
_cell.angle_alpha   90.000
_cell.angle_beta   90.000
_cell.angle_gamma   90.000
#
_symmetry.space_group_name_H-M   'C 2 2 21'
#
loop_
_entity.id
_entity.type
_entity.pdbx_description
1 polymer 'SOJ protein (Soj)'
2 non-polymer "ADENOSINE-5'-DIPHOSPHATE"
3 non-polymer 'MAGNESIUM ION'
4 water water
#
_entity_poly.entity_id   1
_entity_poly.type   'polypeptide(L)'
_entity_poly.pdbx_seq_one_letter_code
;MIVTVINQKGGVGKTTTSVNLSYYLSKEKKTGLLDLDPEGGATISYGMKRELKELPLGEKSVNIFNVEVFPAHIGLLKLE
LNGDVEEISNKIKEIGKQFDFLVIDTPPNLGTLAISAMLVADRIVSPVTPQPLALEAIKNLDSRLKSIGKNAYSFTNFSK
KVVKLDNLSSVKFTEITIPPSRLFIEASRLGVPALRYEEVRIKKPKLANYYQQLAKVISE
;
_entity_poly.pdbx_strand_id   A
#
# COMPACT_ATOMS: atom_id res chain seq x y z
N MET A 1 -2.23 11.83 -7.79
CA MET A 1 -2.00 10.46 -8.22
C MET A 1 -2.44 9.46 -7.16
N ILE A 2 -3.26 8.50 -7.54
CA ILE A 2 -3.74 7.44 -6.65
C ILE A 2 -2.85 6.23 -6.85
N VAL A 3 -2.21 5.80 -5.75
CA VAL A 3 -1.29 4.66 -5.76
C VAL A 3 -1.90 3.58 -4.90
N THR A 4 -2.28 2.46 -5.50
CA THR A 4 -3.00 1.40 -4.83
C THR A 4 -2.07 0.20 -4.67
N VAL A 5 -1.88 -0.25 -3.43
CA VAL A 5 -1.00 -1.37 -3.12
C VAL A 5 -1.85 -2.63 -2.97
N ILE A 6 -1.50 -3.69 -3.70
CA ILE A 6 -2.37 -4.85 -3.90
C ILE A 6 -1.58 -6.13 -3.70
N ASN A 7 -2.20 -7.10 -2.99
CA ASN A 7 -1.72 -8.48 -2.96
C ASN A 7 -2.75 -9.40 -2.33
N GLN A 8 -3.05 -10.53 -3.00
CA GLN A 8 -3.88 -11.55 -2.39
C GLN A 8 -3.22 -12.11 -1.13
N LYS A 9 -1.92 -12.32 -1.19
CA LYS A 9 -1.20 -13.05 -0.15
C LYS A 9 -0.85 -12.11 1.00
N GLY A 10 -1.32 -12.43 2.19
CA GLY A 10 -0.96 -11.66 3.36
C GLY A 10 0.49 -11.91 3.76
N GLY A 11 1.07 -10.92 4.44
CA GLY A 11 2.41 -11.05 4.98
C GLY A 11 3.54 -10.74 4.02
N VAL A 12 3.25 -10.22 2.82
CA VAL A 12 4.31 -9.92 1.86
C VAL A 12 4.93 -8.55 2.05
N GLY A 13 4.32 -7.69 2.84
CA GLY A 13 4.79 -6.33 3.04
C GLY A 13 3.91 -5.24 2.45
N LYS A 14 2.62 -5.51 2.23
CA LYS A 14 1.73 -4.51 1.65
C LYS A 14 1.60 -3.29 2.56
N THR A 15 1.31 -3.52 3.84
CA THR A 15 1.15 -2.41 4.77
C THR A 15 2.47 -1.66 4.96
N THR A 16 3.58 -2.39 5.07
CA THR A 16 4.89 -1.75 5.17
C THR A 16 5.14 -0.83 3.98
N THR A 17 4.83 -1.31 2.78
CA THR A 17 5.01 -0.51 1.57
C THR A 17 4.15 0.74 1.61
N SER A 18 2.86 0.57 1.92
CA SER A 18 1.95 1.72 1.96
C SER A 18 2.45 2.76 2.97
N VAL A 19 2.76 2.32 4.18
CA VAL A 19 3.16 3.22 5.25
C VAL A 19 4.41 4.00 4.86
N ASN A 20 5.45 3.28 4.43
CA ASN A 20 6.72 3.96 4.21
C ASN A 20 6.73 4.75 2.91
N LEU A 21 6.04 4.29 1.87
CA LEU A 21 5.93 5.09 0.66
C LEU A 21 5.18 6.39 0.92
N SER A 22 4.07 6.31 1.66
CA SER A 22 3.35 7.54 1.97
C SER A 22 4.19 8.48 2.82
N TYR A 23 4.93 7.94 3.80
CA TYR A 23 5.80 8.80 4.60
C TYR A 23 6.87 9.45 3.75
N TYR A 24 7.48 8.68 2.84
CA TYR A 24 8.53 9.25 1.98
C TYR A 24 7.96 10.34 1.08
N LEU A 25 6.80 10.08 0.46
CA LEU A 25 6.20 11.06 -0.43
C LEU A 25 5.78 12.32 0.31
N SER A 26 5.40 12.19 1.59
CA SER A 26 4.96 13.34 2.37
C SER A 26 6.08 14.35 2.58
N LYS A 27 7.34 13.94 2.44
CA LYS A 27 8.44 14.87 2.65
C LYS A 27 8.37 16.07 1.72
N GLU A 28 7.74 15.93 0.55
CA GLU A 28 7.65 17.04 -0.38
C GLU A 28 6.28 17.24 -1.00
N LYS A 29 5.34 16.31 -0.79
CA LYS A 29 4.01 16.32 -1.40
C LYS A 29 2.94 16.24 -0.35
N LYS A 30 1.80 16.87 -0.63
CA LYS A 30 0.63 16.63 0.19
C LYS A 30 0.21 15.18 -0.02
N THR A 31 0.43 14.34 0.99
CA THR A 31 0.27 12.89 0.86
C THR A 31 -0.80 12.39 1.82
N GLY A 32 -1.68 11.54 1.32
CA GLY A 32 -2.69 10.89 2.14
C GLY A 32 -2.53 9.38 2.08
N LEU A 33 -2.97 8.71 3.15
CA LEU A 33 -2.88 7.26 3.26
C LEU A 33 -4.25 6.74 3.67
N LEU A 34 -4.91 6.03 2.74
CA LEU A 34 -6.26 5.50 2.95
C LEU A 34 -6.15 4.03 3.30
N ASP A 35 -6.55 3.68 4.53
CA ASP A 35 -6.46 2.31 5.03
C ASP A 35 -7.79 1.62 4.76
N LEU A 36 -7.82 0.76 3.73
CA LEU A 36 -9.01 0.01 3.39
C LEU A 36 -9.01 -1.41 3.95
N ASP A 37 -7.99 -1.79 4.71
CA ASP A 37 -7.98 -3.09 5.37
C ASP A 37 -8.71 -2.98 6.69
N PRO A 38 -9.79 -3.74 6.91
CA PRO A 38 -10.48 -3.68 8.21
C PRO A 38 -9.60 -4.01 9.39
N GLU A 39 -8.56 -4.83 9.19
CA GLU A 39 -7.62 -5.12 10.27
C GLU A 39 -6.75 -3.91 10.61
N GLY A 40 -6.64 -2.94 9.70
CA GLY A 40 -6.02 -1.67 10.01
C GLY A 40 -4.54 -1.68 10.31
N GLY A 41 -3.75 -2.43 9.53
CA GLY A 41 -2.31 -2.47 9.77
C GLY A 41 -1.65 -1.10 9.63
N ALA A 42 -2.01 -0.35 8.59
CA ALA A 42 -1.41 0.97 8.40
C ALA A 42 -1.82 1.94 9.51
N THR A 43 -3.10 1.89 9.90
CA THR A 43 -3.58 2.71 11.01
C THR A 43 -2.76 2.47 12.27
N ILE A 44 -2.49 1.19 12.58
CA ILE A 44 -1.68 0.86 13.75
C ILE A 44 -0.24 1.31 13.53
N SER A 45 0.26 1.20 12.30
CA SER A 45 1.62 1.65 12.00
C SER A 45 1.79 3.15 12.14
N TYR A 46 0.70 3.91 12.19
CA TYR A 46 0.79 5.34 12.51
C TYR A 46 0.31 5.64 13.93
N GLY A 47 0.35 4.66 14.82
CA GLY A 47 0.06 4.89 16.23
C GLY A 47 -1.40 5.06 16.58
N MET A 48 -2.31 4.66 15.70
CA MET A 48 -3.74 4.85 15.90
C MET A 48 -4.43 3.48 16.04
N LYS A 49 -5.72 3.52 16.32
CA LYS A 49 -6.53 2.32 16.50
C LYS A 49 -7.60 2.27 15.43
N ARG A 50 -8.07 1.06 15.14
CA ARG A 50 -9.26 0.90 14.31
C ARG A 50 -10.46 1.52 15.03
N GLU A 51 -11.25 2.29 14.28
CA GLU A 51 -12.40 2.95 14.86
C GLU A 51 -13.55 1.95 14.98
N LEU A 52 -14.04 1.75 16.20
CA LEU A 52 -15.18 0.86 16.41
C LEU A 52 -16.48 1.61 16.12
N LYS A 53 -16.54 2.19 14.94
CA LYS A 53 -17.62 3.08 14.50
C LYS A 53 -17.82 2.80 13.03
N GLU A 54 -19.07 2.74 12.56
CA GLU A 54 -19.33 2.53 11.13
C GLU A 54 -19.24 3.88 10.41
N LEU A 55 -18.01 4.30 10.14
CA LEU A 55 -17.78 5.61 9.55
C LEU A 55 -18.06 5.60 8.05
N PRO A 56 -18.46 6.74 7.50
CA PRO A 56 -18.47 6.88 6.04
C PRO A 56 -17.05 6.85 5.50
N LEU A 57 -16.92 6.36 4.27
CA LEU A 57 -15.60 6.19 3.67
C LEU A 57 -14.94 7.54 3.46
N GLY A 58 -13.76 7.72 4.07
CA GLY A 58 -12.96 8.90 3.85
C GLY A 58 -13.36 10.14 4.62
N GLU A 59 -14.26 10.04 5.60
CA GLU A 59 -14.65 11.22 6.35
C GLU A 59 -13.61 11.62 7.39
N LYS A 60 -12.99 10.66 8.05
CA LYS A 60 -12.10 10.92 9.17
C LYS A 60 -10.65 10.74 8.74
N SER A 61 -9.82 11.75 9.01
CA SER A 61 -8.39 11.68 8.75
C SER A 61 -7.65 12.50 9.80
N VAL A 62 -6.41 12.09 10.07
CA VAL A 62 -5.54 12.78 11.01
C VAL A 62 -4.16 12.91 10.38
N ASN A 63 -3.53 14.07 10.57
CA ASN A 63 -2.16 14.27 10.11
C ASN A 63 -1.20 13.75 11.18
N ILE A 64 -0.59 12.59 10.91
CA ILE A 64 0.34 11.93 11.82
C ILE A 64 1.64 11.69 11.08
N PHE A 65 2.75 12.13 11.68
CA PHE A 65 4.08 11.96 11.09
C PHE A 65 4.10 12.45 9.64
N ASN A 66 3.46 13.60 9.42
CA ASN A 66 3.38 14.34 8.16
C ASN A 66 2.43 13.71 7.15
N VAL A 67 1.71 12.63 7.48
CA VAL A 67 0.85 11.93 6.54
C VAL A 67 -0.59 12.09 6.97
N GLU A 68 -1.46 12.42 6.02
CA GLU A 68 -2.90 12.49 6.28
C GLU A 68 -3.47 11.08 6.18
N VAL A 69 -3.62 10.43 7.33
CA VAL A 69 -4.02 9.03 7.40
C VAL A 69 -5.53 8.96 7.64
N PHE A 70 -6.22 8.15 6.85
CA PHE A 70 -7.62 7.85 7.08
C PHE A 70 -7.69 6.53 7.83
N PRO A 71 -7.96 6.52 9.12
CA PRO A 71 -7.89 5.28 9.89
C PRO A 71 -8.95 4.28 9.46
N ALA A 72 -8.62 2.99 9.61
CA ALA A 72 -9.57 1.93 9.33
C ALA A 72 -10.69 1.95 10.37
N HIS A 73 -11.82 1.39 9.98
CA HIS A 73 -12.99 1.33 10.86
C HIS A 73 -13.85 0.15 10.47
N ILE A 74 -14.74 -0.25 11.38
CA ILE A 74 -15.58 -1.43 11.15
C ILE A 74 -16.53 -1.24 9.98
N GLY A 75 -16.81 0.00 9.59
CA GLY A 75 -17.65 0.22 8.42
C GLY A 75 -17.09 -0.47 7.18
N LEU A 76 -15.77 -0.53 7.07
CA LEU A 76 -15.14 -1.24 5.96
C LEU A 76 -15.69 -2.65 5.81
N LEU A 77 -15.90 -3.34 6.95
CA LEU A 77 -16.45 -4.69 6.91
C LEU A 77 -17.75 -4.72 6.12
N LYS A 78 -18.69 -3.81 6.45
CA LYS A 78 -19.94 -3.76 5.71
C LYS A 78 -19.69 -3.40 4.25
N LEU A 79 -18.75 -2.48 4.00
CA LEU A 79 -18.40 -2.15 2.63
C LEU A 79 -17.82 -3.35 1.91
N GLU A 80 -17.14 -4.24 2.64
CA GLU A 80 -16.64 -5.46 2.02
C GLU A 80 -17.78 -6.40 1.65
N LEU A 81 -18.89 -6.34 2.39
CA LEU A 81 -20.01 -7.25 2.18
C LEU A 81 -21.04 -6.68 1.21
N ASN A 82 -21.55 -5.48 1.48
CA ASN A 82 -22.62 -4.89 0.69
C ASN A 82 -22.14 -3.77 -0.22
N GLY A 83 -20.84 -3.50 -0.26
CA GLY A 83 -20.36 -2.33 -0.97
C GLY A 83 -20.66 -2.40 -2.45
N ASP A 84 -21.08 -1.27 -3.01
CA ASP A 84 -21.33 -1.13 -4.43
C ASP A 84 -20.05 -0.55 -5.06
N VAL A 85 -19.45 -1.30 -5.98
CA VAL A 85 -18.08 -1.02 -6.41
C VAL A 85 -17.99 0.36 -7.06
N GLU A 86 -19.02 0.75 -7.82
CA GLU A 86 -18.98 2.07 -8.48
C GLU A 86 -18.98 3.19 -7.45
N GLU A 87 -19.79 3.09 -6.40
CA GLU A 87 -19.83 4.14 -5.38
C GLU A 87 -18.50 4.23 -4.65
N ILE A 88 -17.96 3.10 -4.23
CA ILE A 88 -16.68 3.10 -3.53
C ILE A 88 -15.59 3.68 -4.41
N SER A 89 -15.61 3.33 -5.69
CA SER A 89 -14.61 3.85 -6.63
C SER A 89 -14.72 5.36 -6.77
N ASN A 90 -15.94 5.88 -6.93
CA ASN A 90 -16.12 7.32 -7.08
C ASN A 90 -15.75 8.06 -5.80
N LYS A 91 -16.07 7.48 -4.65
CA LYS A 91 -15.67 8.08 -3.38
C LYS A 91 -14.15 8.12 -3.26
N ILE A 92 -13.48 7.04 -3.67
CA ILE A 92 -12.02 7.02 -3.61
C ILE A 92 -11.43 8.08 -4.55
N LYS A 93 -12.02 8.24 -5.74
CA LYS A 93 -11.56 9.29 -6.65
C LYS A 93 -11.71 10.67 -6.02
N GLU A 94 -12.87 10.91 -5.39
CA GLU A 94 -13.09 12.22 -4.76
C GLU A 94 -12.11 12.46 -3.62
N ILE A 95 -11.80 11.41 -2.84
CA ILE A 95 -10.79 11.53 -1.80
C ILE A 95 -9.43 11.84 -2.41
N GLY A 96 -9.08 11.15 -3.49
CA GLY A 96 -7.78 11.33 -4.11
C GLY A 96 -7.60 12.70 -4.75
N LYS A 97 -8.69 13.36 -5.12
CA LYS A 97 -8.59 14.68 -5.73
C LYS A 97 -7.86 15.68 -4.84
N GLN A 98 -7.89 15.50 -3.52
CA GLN A 98 -7.38 16.50 -2.60
C GLN A 98 -5.95 16.24 -2.15
N PHE A 99 -5.22 15.36 -2.83
CA PHE A 99 -3.84 15.05 -2.49
C PHE A 99 -2.98 15.03 -3.74
N ASP A 100 -1.69 15.36 -3.57
CA ASP A 100 -0.73 15.09 -4.64
C ASP A 100 -0.52 13.59 -4.81
N PHE A 101 -0.51 12.85 -3.71
CA PHE A 101 -0.44 11.39 -3.72
C PHE A 101 -1.43 10.84 -2.70
N LEU A 102 -2.23 9.87 -3.12
CA LEU A 102 -3.07 9.10 -2.20
C LEU A 102 -2.65 7.64 -2.30
N VAL A 103 -1.99 7.15 -1.26
CA VAL A 103 -1.58 5.75 -1.20
C VAL A 103 -2.67 4.96 -0.49
N ILE A 104 -3.08 3.84 -1.06
CA ILE A 104 -4.19 3.05 -0.55
C ILE A 104 -3.67 1.68 -0.12
N ASP A 105 -3.91 1.33 1.14
CA ASP A 105 -3.65 -0.01 1.64
C ASP A 105 -4.92 -0.84 1.57
N THR A 106 -4.80 -2.10 1.20
CA THR A 106 -5.94 -2.94 0.85
C THR A 106 -5.92 -4.22 1.65
N PRO A 107 -7.07 -4.88 1.81
CA PRO A 107 -7.11 -6.20 2.48
C PRO A 107 -6.40 -7.24 1.65
N PRO A 108 -5.97 -8.35 2.27
CA PRO A 108 -5.26 -9.42 1.52
C PRO A 108 -6.21 -10.26 0.66
N ASN A 109 -6.80 -9.62 -0.34
CA ASN A 109 -7.68 -10.30 -1.27
C ASN A 109 -7.83 -9.41 -2.51
N LEU A 110 -8.68 -9.87 -3.44
CA LEU A 110 -9.10 -9.08 -4.59
C LEU A 110 -10.59 -8.79 -4.51
N GLY A 111 -11.07 -8.49 -3.30
CA GLY A 111 -12.48 -8.29 -3.05
C GLY A 111 -12.98 -6.92 -3.44
N THR A 112 -14.07 -6.50 -2.78
CA THR A 112 -14.77 -5.28 -3.18
C THR A 112 -13.88 -4.05 -3.01
N LEU A 113 -13.30 -3.87 -1.83
CA LEU A 113 -12.46 -2.70 -1.58
C LEU A 113 -11.22 -2.71 -2.47
N ALA A 114 -10.58 -3.88 -2.59
CA ALA A 114 -9.36 -3.97 -3.39
C ALA A 114 -9.63 -3.69 -4.87
N ILE A 115 -10.69 -4.27 -5.42
CA ILE A 115 -10.99 -4.06 -6.82
C ILE A 115 -11.44 -2.62 -7.06
N SER A 116 -12.17 -2.03 -6.11
CA SER A 116 -12.55 -0.62 -6.25
C SER A 116 -11.31 0.27 -6.27
N ALA A 117 -10.34 0.00 -5.39
CA ALA A 117 -9.11 0.79 -5.38
C ALA A 117 -8.32 0.57 -6.67
N MET A 118 -8.32 -0.66 -7.20
CA MET A 118 -7.60 -0.92 -8.45
C MET A 118 -8.23 -0.19 -9.63
N LEU A 119 -9.56 -0.13 -9.68
CA LEU A 119 -10.23 0.41 -10.87
C LEU A 119 -9.94 1.90 -11.06
N VAL A 120 -9.69 2.63 -9.97
CA VAL A 120 -9.44 4.08 -10.04
C VAL A 120 -7.97 4.42 -9.81
N ALA A 121 -7.11 3.42 -9.65
CA ALA A 121 -5.70 3.70 -9.37
C ALA A 121 -5.02 4.32 -10.58
N ASP A 122 -4.23 5.37 -10.32
CA ASP A 122 -3.30 5.84 -11.35
C ASP A 122 -2.11 4.91 -11.46
N ARG A 123 -1.64 4.38 -10.34
CA ARG A 123 -0.59 3.38 -10.30
C ARG A 123 -0.99 2.25 -9.37
N ILE A 124 -0.64 1.03 -9.74
CA ILE A 124 -0.86 -0.16 -8.93
C ILE A 124 0.50 -0.75 -8.57
N VAL A 125 0.72 -1.03 -7.29
CA VAL A 125 1.99 -1.55 -6.80
C VAL A 125 1.71 -2.85 -6.04
N SER A 126 2.44 -3.90 -6.36
CA SER A 126 2.28 -5.20 -5.72
C SER A 126 3.63 -5.73 -5.28
N PRO A 127 3.93 -5.73 -3.99
CA PRO A 127 5.18 -6.36 -3.54
C PRO A 127 5.11 -7.87 -3.69
N VAL A 128 6.27 -8.47 -3.97
CA VAL A 128 6.38 -9.91 -4.14
C VAL A 128 7.61 -10.38 -3.36
N THR A 129 7.59 -11.66 -2.99
CA THR A 129 8.69 -12.32 -2.31
C THR A 129 9.04 -13.57 -3.09
N PRO A 130 10.27 -14.08 -2.94
CA PRO A 130 10.64 -15.32 -3.64
C PRO A 130 9.85 -16.54 -3.19
N GLN A 131 9.01 -16.41 -2.17
CA GLN A 131 8.23 -17.54 -1.70
C GLN A 131 7.27 -17.98 -2.80
N PRO A 132 7.07 -19.28 -3.00
CA PRO A 132 6.18 -19.72 -4.09
C PRO A 132 4.77 -19.18 -3.98
N LEU A 133 4.29 -18.96 -2.76
CA LEU A 133 2.90 -18.55 -2.58
C LEU A 133 2.69 -17.16 -3.16
N ALA A 134 3.66 -16.27 -2.95
CA ALA A 134 3.61 -14.92 -3.48
C ALA A 134 3.71 -14.92 -5.01
N LEU A 135 4.51 -15.83 -5.57
CA LEU A 135 4.58 -15.94 -7.02
C LEU A 135 3.24 -16.37 -7.61
N GLU A 136 2.57 -17.32 -6.96
CA GLU A 136 1.22 -17.69 -7.39
C GLU A 136 0.27 -16.50 -7.29
N ALA A 137 0.37 -15.75 -6.20
CA ALA A 137 -0.49 -14.59 -6.01
C ALA A 137 -0.28 -13.55 -7.12
N ILE A 138 0.97 -13.30 -7.49
CA ILE A 138 1.23 -12.29 -8.53
C ILE A 138 0.76 -12.80 -9.88
N LYS A 139 0.82 -14.11 -10.14
CA LYS A 139 0.21 -14.65 -11.35
C LYS A 139 -1.28 -14.35 -11.39
N ASN A 140 -1.98 -14.64 -10.28
CA ASN A 140 -3.42 -14.36 -10.23
C ASN A 140 -3.70 -12.87 -10.43
N LEU A 141 -2.86 -12.01 -9.83
CA LEU A 141 -3.05 -10.58 -10.00
C LEU A 141 -2.85 -10.15 -11.45
N ASP A 142 -1.89 -10.77 -12.15
CA ASP A 142 -1.73 -10.49 -13.57
C ASP A 142 -3.01 -10.80 -14.33
N SER A 143 -3.63 -11.94 -14.01
CA SER A 143 -4.90 -12.29 -14.67
C SER A 143 -5.97 -11.23 -14.39
N ARG A 144 -6.11 -10.82 -13.13
CA ARG A 144 -7.15 -9.83 -12.79
C ARG A 144 -6.86 -8.47 -13.45
N LEU A 145 -5.59 -8.07 -13.50
CA LEU A 145 -5.20 -6.84 -14.16
C LEU A 145 -5.62 -6.86 -15.62
N LYS A 146 -5.37 -7.98 -16.30
CA LYS A 146 -5.87 -8.11 -17.66
C LYS A 146 -7.40 -8.01 -17.70
N SER A 147 -8.06 -8.56 -16.68
CA SER A 147 -9.52 -8.50 -16.65
C SER A 147 -10.04 -7.07 -16.56
N ILE A 148 -9.27 -6.15 -15.96
CA ILE A 148 -9.72 -4.77 -15.88
C ILE A 148 -8.90 -3.83 -16.77
N GLY A 149 -8.03 -4.37 -17.62
CA GLY A 149 -7.29 -3.55 -18.56
C GLY A 149 -6.30 -2.58 -17.95
N LYS A 150 -5.63 -2.98 -16.87
CA LYS A 150 -4.65 -2.13 -16.21
C LYS A 150 -3.35 -2.91 -16.04
N ASN A 151 -2.30 -2.18 -15.63
CA ASN A 151 -0.99 -2.75 -15.40
C ASN A 151 -0.54 -2.38 -13.99
N ALA A 152 0.49 -3.06 -13.51
CA ALA A 152 1.02 -2.82 -12.18
C ALA A 152 2.54 -2.91 -12.19
N TYR A 153 3.15 -2.23 -11.22
CA TYR A 153 4.57 -2.37 -10.91
C TYR A 153 4.72 -3.35 -9.74
N SER A 154 5.81 -4.09 -9.76
CA SER A 154 6.14 -4.99 -8.66
C SER A 154 7.59 -4.81 -8.26
N PHE A 155 7.85 -4.98 -6.96
CA PHE A 155 9.20 -4.98 -6.42
C PHE A 155 9.29 -6.12 -5.42
N THR A 156 10.53 -6.53 -5.14
CA THR A 156 10.78 -7.69 -4.30
C THR A 156 11.05 -7.26 -2.87
N ASN A 157 10.44 -7.95 -1.92
CA ASN A 157 10.64 -7.72 -0.50
C ASN A 157 11.14 -9.01 0.14
N PHE A 158 11.77 -8.87 1.32
CA PHE A 158 12.32 -10.01 2.06
C PHE A 158 13.40 -10.74 1.26
N SER A 159 14.19 -10.01 0.46
CA SER A 159 15.12 -10.72 -0.42
C SER A 159 16.27 -9.83 -0.81
N LYS A 160 17.41 -10.47 -1.12
CA LYS A 160 18.56 -9.81 -1.73
C LYS A 160 18.52 -9.84 -3.24
N LYS A 161 17.70 -10.68 -3.85
CA LYS A 161 17.68 -10.88 -5.29
C LYS A 161 16.30 -10.58 -5.86
N VAL A 162 16.30 -9.94 -7.03
CA VAL A 162 15.08 -9.49 -7.68
C VAL A 162 14.27 -10.69 -8.19
N VAL A 163 12.94 -10.55 -8.14
CA VAL A 163 12.02 -11.49 -8.78
C VAL A 163 11.55 -10.87 -10.09
N LYS A 164 11.57 -11.66 -11.17
CA LYS A 164 11.13 -11.19 -12.49
C LYS A 164 10.52 -12.38 -13.23
N LEU A 165 9.18 -12.39 -13.33
CA LEU A 165 8.46 -13.40 -14.08
C LEU A 165 8.01 -12.77 -15.40
N ASP A 166 8.74 -13.07 -16.48
CA ASP A 166 8.52 -12.40 -17.75
C ASP A 166 7.21 -12.80 -18.42
N ASN A 167 6.59 -13.90 -18.00
CA ASN A 167 5.33 -14.32 -18.62
C ASN A 167 4.13 -13.51 -18.14
N LEU A 168 4.29 -12.68 -17.11
CA LEU A 168 3.20 -11.85 -16.60
C LEU A 168 3.28 -10.50 -17.28
N SER A 169 2.64 -10.39 -18.45
CA SER A 169 2.81 -9.23 -19.31
C SER A 169 2.17 -7.96 -18.76
N SER A 170 1.31 -8.07 -17.75
CA SER A 170 0.69 -6.89 -17.15
C SER A 170 1.41 -6.40 -15.91
N VAL A 171 2.50 -7.05 -15.51
CA VAL A 171 3.25 -6.70 -14.32
C VAL A 171 4.67 -6.30 -14.74
N LYS A 172 5.06 -5.07 -14.42
CA LYS A 172 6.43 -4.60 -14.62
C LYS A 172 7.19 -4.82 -13.33
N PHE A 173 8.02 -5.86 -13.28
CA PHE A 173 8.87 -6.07 -12.12
C PHE A 173 10.07 -5.14 -12.20
N THR A 174 10.25 -4.33 -11.16
CA THR A 174 11.40 -3.45 -11.08
C THR A 174 12.60 -4.20 -10.53
N GLU A 175 13.76 -3.53 -10.56
CA GLU A 175 14.98 -4.07 -9.98
C GLU A 175 15.13 -3.72 -8.50
N ILE A 176 14.05 -3.27 -7.86
CA ILE A 176 14.08 -2.92 -6.44
C ILE A 176 13.89 -4.18 -5.61
N THR A 177 14.78 -4.41 -4.66
CA THR A 177 14.65 -5.53 -3.73
C THR A 177 14.99 -5.05 -2.32
N ILE A 178 14.11 -5.34 -1.37
CA ILE A 178 14.26 -4.92 0.02
C ILE A 178 14.61 -6.15 0.84
N PRO A 179 15.79 -6.19 1.48
CA PRO A 179 16.21 -7.37 2.22
C PRO A 179 15.52 -7.43 3.58
N PRO A 180 15.60 -8.57 4.27
CA PRO A 180 15.13 -8.61 5.66
C PRO A 180 15.90 -7.63 6.52
N SER A 181 15.16 -6.94 7.41
CA SER A 181 15.75 -5.97 8.31
C SER A 181 14.91 -5.91 9.56
N ARG A 182 15.54 -6.02 10.73
CA ARG A 182 14.77 -5.96 11.97
C ARG A 182 14.30 -4.54 12.29
N LEU A 183 14.76 -3.55 11.52
CA LEU A 183 14.23 -2.19 11.65
C LEU A 183 12.72 -2.17 11.44
N PHE A 184 12.24 -2.92 10.44
CA PHE A 184 10.81 -2.97 10.18
C PHE A 184 10.06 -3.54 11.37
N ILE A 185 10.58 -4.61 11.98
CA ILE A 185 9.92 -5.23 13.12
C ILE A 185 9.87 -4.26 14.30
N GLU A 186 11.00 -3.62 14.60
CA GLU A 186 11.04 -2.68 15.72
C GLU A 186 10.10 -1.50 15.50
N ALA A 187 10.11 -0.94 14.29
CA ALA A 187 9.25 0.21 14.00
C ALA A 187 7.78 -0.17 14.05
N SER A 188 7.43 -1.36 13.55
CA SER A 188 6.04 -1.80 13.65
C SER A 188 5.65 -2.02 15.11
N ARG A 189 6.60 -2.45 15.95
CA ARG A 189 6.30 -2.57 17.38
C ARG A 189 6.06 -1.20 18.03
N LEU A 190 6.80 -0.16 17.62
CA LEU A 190 6.46 1.20 18.05
C LEU A 190 5.13 1.68 17.49
N GLY A 191 4.77 1.28 16.27
CA GLY A 191 3.67 1.94 15.60
C GLY A 191 4.08 3.23 14.94
N VAL A 192 5.27 3.26 14.36
CA VAL A 192 5.77 4.40 13.60
C VAL A 192 6.30 3.88 12.27
N PRO A 193 6.37 4.72 11.24
CA PRO A 193 6.95 4.28 9.97
C PRO A 193 8.42 3.93 10.13
N ALA A 194 8.84 2.88 9.42
CA ALA A 194 10.22 2.40 9.55
C ALA A 194 11.23 3.44 9.08
N LEU A 195 10.89 4.22 8.05
CA LEU A 195 11.80 5.27 7.59
C LEU A 195 12.07 6.28 8.71
N ARG A 196 11.03 6.72 9.38
CA ARG A 196 11.20 7.70 10.46
C ARG A 196 11.98 7.11 11.63
N TYR A 197 11.69 5.85 11.99
CA TYR A 197 12.43 5.20 13.07
C TYR A 197 13.91 5.08 12.73
N GLU A 198 14.22 4.69 11.49
CA GLU A 198 15.60 4.62 11.03
C GLU A 198 16.27 5.99 11.06
N GLU A 199 15.50 7.05 10.81
CA GLU A 199 16.07 8.39 10.78
C GLU A 199 16.64 8.82 12.14
N VAL A 200 16.29 8.12 13.22
CA VAL A 200 16.88 8.41 14.52
C VAL A 200 17.66 7.21 15.08
N ARG A 201 17.42 6.00 14.58
CA ARG A 201 17.95 4.78 15.19
C ARG A 201 19.36 4.45 14.73
N ILE A 202 19.72 4.74 13.49
CA ILE A 202 21.03 4.40 12.96
C ILE A 202 21.70 5.65 12.39
N LYS A 203 23.04 5.62 12.38
CA LYS A 203 23.80 6.79 11.94
C LYS A 203 23.57 7.09 10.47
N LYS A 204 23.56 6.06 9.62
CA LYS A 204 23.53 6.22 8.17
C LYS A 204 22.31 5.50 7.62
N PRO A 205 21.17 6.18 7.51
CA PRO A 205 19.94 5.52 7.06
C PRO A 205 20.07 4.95 5.65
N LYS A 206 19.39 3.82 5.43
CA LYS A 206 19.49 3.09 4.17
C LYS A 206 18.14 2.81 3.53
N LEU A 207 17.11 2.59 4.35
CA LEU A 207 15.81 2.19 3.82
C LEU A 207 15.19 3.25 2.92
N ALA A 208 15.57 4.52 3.08
CA ALA A 208 14.97 5.58 2.28
C ALA A 208 15.28 5.41 0.80
N ASN A 209 16.39 4.77 0.46
CA ASN A 209 16.78 4.62 -0.95
C ASN A 209 15.78 3.76 -1.71
N TYR A 210 15.31 2.67 -1.09
CA TYR A 210 14.36 1.79 -1.76
C TYR A 210 13.07 2.51 -2.09
N TYR A 211 12.56 3.30 -1.15
CA TYR A 211 11.31 4.01 -1.39
C TYR A 211 11.52 5.20 -2.32
N GLN A 212 12.70 5.79 -2.33
CA GLN A 212 13.01 6.79 -3.36
C GLN A 212 12.95 6.17 -4.74
N GLN A 213 13.53 4.98 -4.91
CA GLN A 213 13.50 4.32 -6.21
C GLN A 213 12.08 3.92 -6.59
N LEU A 214 11.28 3.45 -5.63
CA LEU A 214 9.89 3.12 -5.93
C LEU A 214 9.11 4.36 -6.37
N ALA A 215 9.29 5.49 -5.65
CA ALA A 215 8.61 6.72 -6.01
C ALA A 215 9.03 7.20 -7.39
N LYS A 216 10.33 7.12 -7.70
CA LYS A 216 10.80 7.50 -9.03
C LYS A 216 10.18 6.61 -10.10
N VAL A 217 10.10 5.30 -9.83
CA VAL A 217 9.55 4.37 -10.82
C VAL A 217 8.08 4.69 -11.09
N ILE A 218 7.29 4.95 -10.04
CA ILE A 218 5.87 5.16 -10.29
C ILE A 218 5.59 6.57 -10.81
N SER A 219 6.45 7.53 -10.53
CA SER A 219 6.19 8.91 -10.91
C SER A 219 6.29 9.13 -12.41
N GLU A 220 7.00 8.25 -13.12
CA GLU A 220 7.12 8.35 -14.56
C GLU A 220 5.76 8.15 -15.24
#